data_4KAX
#
_entry.id   4KAX
#
_cell.length_a   56.595
_cell.length_b   56.595
_cell.length_c   274.371
_cell.angle_alpha   90.00
_cell.angle_beta   90.00
_cell.angle_gamma   90.00
#
_symmetry.space_group_name_H-M   'P 43 21 2'
#
loop_
_entity.id
_entity.type
_entity.pdbx_description
1 polymer 'ADP-ribosylation factor 6'
2 polymer Cytohesin-3
3 non-polymer "GUANOSINE-5'-TRIPHOSPHATE"
4 non-polymer 'MAGNESIUM ION'
5 non-polymer 'CITRIC ACID'
6 non-polymer GLYCEROL
7 non-polymer 'POTASSIUM ION'
8 non-polymer INOSITOL-(1,3,4,5)-TETRAKISPHOSPHATE
9 water water
#
loop_
_entity_poly.entity_id
_entity_poly.type
_entity_poly.pdbx_seq_one_letter_code
_entity_poly.pdbx_strand_id
1 'polypeptide(L)'
;HHHHHHGSMRILMLGLDAAGKTTILYKLKLGQSVTTIPTVGFNVETVTYKNVKFNVWDVGGLDKIRPLWRHYYTGTQGLI
FVVDCADRDRIDEARQELHRIINDREMRDAIILIFANKQDLPDAMKPHEIQEKLGLTRIRDRNWYVQPSCATSGDGLYEG
LTWLTSNYN
;
A
2 'polypeptide(L)'
;HHHHHHGSPFKIPEDDGNDLTHTFFNPDREGWLLKLGGRVKTWKRRWFILTDNCLYYFEYTTDKEPRGIIPLENLSIREV
EDPRKPNCFELYNPSHKGQVIKACKTEADGRVVEGNHVVYRISAPSPEEKEEWMKSIKASISRDPFYDMLATRKRRIANK
K
;
B
#
loop_
_chem_comp.id
_chem_comp.type
_chem_comp.name
_chem_comp.formula
4IP non-polymer INOSITOL-(1,3,4,5)-TETRAKISPHOSPHATE 'C6 H16 O18 P4'
CIT non-polymer 'CITRIC ACID' 'C6 H8 O7'
GOL non-polymer GLYCEROL 'C3 H8 O3'
GTP non-polymer GUANOSINE-5'-TRIPHOSPHATE 'C10 H16 N5 O14 P3'
K non-polymer 'POTASSIUM ION' 'K 1'
MG non-polymer 'MAGNESIUM ION' 'Mg 2'
#
# COMPACT_ATOMS: atom_id res chain seq x y z
N GLY A 7 -4.83 -18.08 -14.18
CA GLY A 7 -5.64 -16.83 -14.04
C GLY A 7 -4.88 -15.77 -13.26
N SER A 8 -5.21 -14.51 -13.49
CA SER A 8 -4.56 -13.39 -12.82
C SER A 8 -5.57 -12.29 -12.51
N MET A 9 -5.41 -11.63 -11.37
CA MET A 9 -6.29 -10.53 -10.98
C MET A 9 -5.60 -9.48 -10.11
N ARG A 10 -5.62 -8.23 -10.57
CA ARG A 10 -5.09 -7.12 -9.78
C ARG A 10 -6.16 -6.63 -8.81
N ILE A 11 -5.81 -6.63 -7.53
CA ILE A 11 -6.74 -6.26 -6.47
C ILE A 11 -6.23 -5.04 -5.72
N LEU A 12 -7.12 -4.09 -5.48
CA LEU A 12 -6.84 -2.96 -4.60
C LEU A 12 -7.67 -3.17 -3.34
N MET A 13 -7.01 -3.23 -2.19
CA MET A 13 -7.70 -3.40 -0.91
C MET A 13 -7.65 -2.13 -0.07
N LEU A 14 -8.82 -1.54 0.15
CA LEU A 14 -8.94 -0.26 0.84
C LEU A 14 -9.93 -0.39 1.99
N GLY A 15 -9.98 0.65 2.83
CA GLY A 15 -10.85 0.65 4.00
C GLY A 15 -10.22 1.57 5.03
N LEU A 16 -11.01 1.94 6.04
CA LEU A 16 -10.50 2.80 7.11
C LEU A 16 -9.36 2.14 7.86
N ASP A 17 -8.54 2.93 8.53
CA ASP A 17 -7.52 2.38 9.41
C ASP A 17 -8.21 1.45 10.40
N ALA A 18 -7.51 0.36 10.74
CA ALA A 18 -7.94 -0.64 11.74
C ALA A 18 -9.04 -1.59 11.28
N ALA A 19 -9.45 -1.48 10.01
CA ALA A 19 -10.51 -2.33 9.48
C ALA A 19 -10.15 -3.83 9.45
N GLY A 20 -8.87 -4.15 9.21
CA GLY A 20 -8.39 -5.53 9.14
C GLY A 20 -7.66 -5.90 7.86
N LYS A 21 -7.36 -4.90 7.04
CA LYS A 21 -6.78 -5.13 5.69
C LYS A 21 -5.49 -5.95 5.71
N THR A 22 -4.52 -5.52 6.51
CA THR A 22 -3.22 -6.19 6.57
C THR A 22 -3.34 -7.59 7.17
N THR A 23 -4.22 -7.74 8.16
CA THR A 23 -4.46 -9.04 8.78
C THR A 23 -4.96 -10.04 7.74
N ILE A 24 -5.90 -9.59 6.90
CA ILE A 24 -6.47 -10.38 5.80
C ILE A 24 -5.37 -10.74 4.80
N LEU A 25 -4.61 -9.73 4.40
CA LEU A 25 -3.54 -9.95 3.41
C LEU A 25 -2.60 -11.10 3.80
N TYR A 26 -2.11 -11.06 5.05
CA TYR A 26 -1.13 -12.05 5.49
C TYR A 26 -1.72 -13.36 5.97
N LYS A 27 -2.99 -13.34 6.37
CA LYS A 27 -3.73 -14.58 6.59
C LYS A 27 -3.77 -15.37 5.27
N LEU A 28 -4.00 -14.65 4.17
CA LEU A 28 -4.02 -15.27 2.85
C LEU A 28 -2.62 -15.65 2.36
N LYS A 29 -1.66 -14.73 2.53
CA LYS A 29 -0.31 -14.94 2.00
C LYS A 29 0.52 -15.96 2.80
N LEU A 30 0.36 -15.95 4.12
CA LEU A 30 1.19 -16.76 5.01
C LEU A 30 0.43 -17.89 5.72
N GLY A 31 -0.88 -17.93 5.50
CA GLY A 31 -1.75 -18.92 6.16
C GLY A 31 -1.80 -18.78 7.67
N GLN A 32 -1.58 -17.57 8.17
CA GLN A 32 -1.56 -17.35 9.61
C GLN A 32 -1.96 -15.94 9.99
N SER A 33 -2.55 -15.82 11.18
CA SER A 33 -2.92 -14.53 11.72
C SER A 33 -1.72 -13.93 12.43
N VAL A 34 -1.33 -12.73 12.01
CA VAL A 34 -0.19 -12.04 12.60
C VAL A 34 -0.68 -10.84 13.39
N THR A 35 0.15 -10.38 14.32
CA THR A 35 -0.11 -9.15 15.07
C THR A 35 0.41 -7.98 14.26
N THR A 36 -0.49 -7.14 13.78
CA THR A 36 -0.14 -6.07 12.85
C THR A 36 0.21 -4.78 13.57
N ILE A 37 0.82 -3.86 12.82
CA ILE A 37 0.94 -2.45 13.21
C ILE A 37 0.34 -1.64 12.08
N PRO A 38 -0.07 -0.38 12.35
CA PRO A 38 -0.66 0.42 11.29
C PRO A 38 0.28 0.57 10.09
N THR A 39 -0.30 0.53 8.90
CA THR A 39 0.45 0.56 7.64
C THR A 39 0.67 2.01 7.21
N VAL A 40 1.92 2.42 7.14
CA VAL A 40 2.27 3.82 6.81
C VAL A 40 2.16 4.14 5.32
N GLY A 41 2.33 3.12 4.48
CA GLY A 41 2.23 3.28 3.04
C GLY A 41 1.31 2.24 2.42
N PHE A 42 1.88 1.08 2.10
CA PHE A 42 1.14 -0.02 1.52
C PHE A 42 1.87 -1.32 1.83
N ASN A 43 1.16 -2.43 1.64
CA ASN A 43 1.77 -3.75 1.56
C ASN A 43 1.29 -4.31 0.23
N VAL A 44 2.11 -5.15 -0.39
CA VAL A 44 1.71 -5.77 -1.64
C VAL A 44 2.17 -7.22 -1.65
N GLU A 45 1.25 -8.13 -1.97
CA GLU A 45 1.57 -9.55 -2.02
C GLU A 45 0.77 -10.22 -3.13
N THR A 46 1.36 -11.26 -3.73
CA THR A 46 0.67 -12.07 -4.71
C THR A 46 0.30 -13.40 -4.05
N VAL A 47 -0.98 -13.73 -4.12
CA VAL A 47 -1.52 -14.93 -3.48
C VAL A 47 -2.14 -15.82 -4.56
N THR A 48 -1.75 -17.09 -4.59
CA THR A 48 -2.38 -18.06 -5.48
C THR A 48 -3.50 -18.77 -4.72
N TYR A 49 -4.69 -18.76 -5.31
CA TYR A 49 -5.85 -19.39 -4.72
C TYR A 49 -6.70 -20.00 -5.83
N LYS A 50 -6.82 -21.33 -5.79
CA LYS A 50 -7.64 -22.09 -6.74
C LYS A 50 -7.45 -21.62 -8.18
N ASN A 51 -6.19 -21.66 -8.61
CA ASN A 51 -5.78 -21.40 -10.00
C ASN A 51 -5.83 -19.94 -10.45
N VAL A 52 -5.98 -19.02 -9.50
CA VAL A 52 -5.92 -17.59 -9.81
C VAL A 52 -4.88 -16.93 -8.94
N LYS A 53 -4.01 -16.13 -9.57
CA LYS A 53 -3.02 -15.38 -8.84
C LYS A 53 -3.54 -13.97 -8.60
N PHE A 54 -3.75 -13.65 -7.33
CA PHE A 54 -4.27 -12.34 -6.93
C PHE A 54 -3.12 -11.44 -6.52
N ASN A 55 -2.91 -10.36 -7.26
CA ASN A 55 -1.91 -9.36 -6.92
C ASN A 55 -2.62 -8.31 -6.07
N VAL A 56 -2.36 -8.34 -4.77
CA VAL A 56 -3.17 -7.58 -3.81
C VAL A 56 -2.40 -6.40 -3.23
N TRP A 57 -2.92 -5.21 -3.48
CA TRP A 57 -2.35 -3.97 -2.97
C TRP A 57 -3.18 -3.49 -1.77
N ASP A 58 -2.57 -3.56 -0.60
CA ASP A 58 -3.18 -3.16 0.66
C ASP A 58 -2.64 -1.77 1.04
N VAL A 59 -3.47 -0.75 0.85
CA VAL A 59 -3.02 0.63 1.09
C VAL A 59 -3.44 1.13 2.47
N GLY A 60 -2.53 1.80 3.18
CA GLY A 60 -2.80 2.33 4.52
C GLY A 60 -4.06 3.18 4.56
N GLY A 61 -4.85 3.01 5.61
CA GLY A 61 -6.14 3.67 5.70
C GLY A 61 -6.19 4.88 6.63
N LEU A 62 -5.05 5.26 7.22
CA LEU A 62 -5.01 6.44 8.08
C LEU A 62 -5.44 7.70 7.31
N ASP A 63 -6.14 8.60 8.00
CA ASP A 63 -6.57 9.89 7.46
C ASP A 63 -5.65 10.52 6.43
N LYS A 64 -4.42 10.76 6.86
CA LYS A 64 -3.43 11.50 6.08
C LYS A 64 -3.09 10.84 4.73
N ILE A 65 -3.23 9.51 4.66
CA ILE A 65 -2.90 8.71 3.48
C ILE A 65 -4.04 8.69 2.44
N ARG A 66 -5.28 8.89 2.86
CA ARG A 66 -6.43 8.71 1.97
C ARG A 66 -6.46 9.51 0.67
N PRO A 67 -6.00 10.78 0.70
CA PRO A 67 -5.93 11.52 -0.57
C PRO A 67 -5.04 10.82 -1.60
N LEU A 68 -4.13 9.95 -1.14
CA LEU A 68 -3.25 9.18 -2.02
C LEU A 68 -3.87 7.88 -2.60
N TRP A 69 -5.01 7.44 -2.04
CA TRP A 69 -5.66 6.20 -2.56
C TRP A 69 -5.84 6.19 -4.08
N ARG A 70 -6.22 7.34 -4.63
CA ARG A 70 -6.49 7.44 -6.07
C ARG A 70 -5.29 7.03 -6.91
N HIS A 71 -4.09 7.20 -6.35
CA HIS A 71 -2.82 6.84 -7.01
C HIS A 71 -2.82 5.38 -7.44
N TYR A 72 -3.45 4.53 -6.65
CA TYR A 72 -3.37 3.10 -6.84
C TYR A 72 -4.47 2.52 -7.71
N TYR A 73 -5.38 3.36 -8.19
CA TYR A 73 -6.55 2.88 -8.95
C TYR A 73 -6.18 2.19 -10.27
N THR A 74 -5.26 2.77 -11.02
CA THR A 74 -5.00 2.33 -12.40
C THR A 74 -4.70 0.84 -12.47
N GLY A 75 -5.48 0.14 -13.28
CA GLY A 75 -5.28 -1.28 -13.52
C GLY A 75 -6.06 -2.19 -12.60
N THR A 76 -6.77 -1.62 -11.63
CA THR A 76 -7.51 -2.41 -10.64
C THR A 76 -8.65 -3.18 -11.29
N GLN A 77 -8.70 -4.49 -11.03
CA GLN A 77 -9.74 -5.34 -11.59
C GLN A 77 -10.78 -5.71 -10.54
N GLY A 78 -10.36 -5.75 -9.28
CA GLY A 78 -11.28 -5.98 -8.19
C GLY A 78 -10.95 -5.08 -7.02
N LEU A 79 -11.98 -4.48 -6.43
CA LEU A 79 -11.82 -3.75 -5.18
C LEU A 79 -12.26 -4.61 -4.01
N ILE A 80 -11.38 -4.75 -3.03
CA ILE A 80 -11.77 -5.28 -1.73
C ILE A 80 -11.86 -4.10 -0.77
N PHE A 81 -13.06 -3.87 -0.23
CA PHE A 81 -13.24 -2.83 0.77
C PHE A 81 -13.55 -3.50 2.10
N VAL A 82 -12.68 -3.27 3.06
CA VAL A 82 -12.76 -3.93 4.36
C VAL A 82 -13.37 -2.96 5.37
N VAL A 83 -14.35 -3.45 6.13
CA VAL A 83 -15.02 -2.63 7.16
C VAL A 83 -15.00 -3.30 8.53
N ASP A 84 -14.75 -2.50 9.56
CA ASP A 84 -14.80 -2.98 10.94
C ASP A 84 -16.27 -2.96 11.35
N CYS A 85 -16.86 -4.15 11.47
CA CYS A 85 -18.31 -4.25 11.72
C CYS A 85 -18.73 -3.89 13.14
N ALA A 86 -17.76 -3.81 14.05
CA ALA A 86 -18.03 -3.38 15.42
C ALA A 86 -17.97 -1.86 15.57
N ASP A 87 -17.41 -1.18 14.57
CA ASP A 87 -17.23 0.27 14.61
C ASP A 87 -18.44 1.02 14.02
N ARG A 88 -19.49 1.18 14.81
CA ARG A 88 -20.65 1.96 14.38
C ARG A 88 -20.37 3.47 14.31
N ASP A 89 -19.40 3.93 15.09
CA ASP A 89 -19.01 5.36 15.09
C ASP A 89 -18.47 5.82 13.74
N ARG A 90 -17.93 4.89 12.97
CA ARG A 90 -17.22 5.24 11.74
C ARG A 90 -17.79 4.59 10.48
N ILE A 91 -18.96 3.96 10.60
CA ILE A 91 -19.56 3.27 9.45
C ILE A 91 -20.03 4.23 8.35
N ASP A 92 -20.48 5.41 8.74
CA ASP A 92 -20.92 6.43 7.78
C ASP A 92 -19.71 7.00 7.03
N GLU A 93 -18.59 7.12 7.75
CA GLU A 93 -17.32 7.54 7.18
C GLU A 93 -16.86 6.50 6.14
N ALA A 94 -16.94 5.23 6.51
CA ALA A 94 -16.62 4.12 5.59
C ALA A 94 -17.48 4.18 4.33
N ARG A 95 -18.78 4.45 4.50
CA ARG A 95 -19.70 4.60 3.37
C ARG A 95 -19.26 5.72 2.44
N GLN A 96 -18.94 6.88 3.00
CA GLN A 96 -18.50 8.01 2.19
C GLN A 96 -17.24 7.67 1.37
N GLU A 97 -16.27 7.05 2.02
CA GLU A 97 -15.02 6.64 1.35
C GLU A 97 -15.28 5.64 0.21
N LEU A 98 -16.09 4.61 0.51
CA LEU A 98 -16.40 3.59 -0.49
C LEU A 98 -16.96 4.19 -1.77
N HIS A 99 -17.96 5.08 -1.64
CA HIS A 99 -18.61 5.65 -2.81
C HIS A 99 -17.69 6.59 -3.61
N ARG A 100 -16.82 7.31 -2.91
CA ARG A 100 -15.78 8.10 -3.58
C ARG A 100 -14.91 7.21 -4.47
N ILE A 101 -14.54 6.04 -3.96
CA ILE A 101 -13.71 5.08 -4.71
C ILE A 101 -14.45 4.57 -5.94
N ILE A 102 -15.63 4.01 -5.75
CA ILE A 102 -16.32 3.31 -6.83
C ILE A 102 -16.90 4.25 -7.91
N ASN A 103 -17.02 5.53 -7.58
CA ASN A 103 -17.49 6.52 -8.54
C ASN A 103 -16.36 7.12 -9.38
N ASP A 104 -15.12 6.79 -9.04
CA ASP A 104 -13.97 7.29 -9.80
C ASP A 104 -13.94 6.68 -11.19
N ARG A 105 -13.62 7.51 -12.18
CA ARG A 105 -13.55 7.07 -13.58
C ARG A 105 -12.66 5.83 -13.79
N GLU A 106 -11.60 5.71 -13.00
CA GLU A 106 -10.66 4.58 -13.11
C GLU A 106 -11.17 3.31 -12.41
N MET A 107 -12.28 3.42 -11.68
CA MET A 107 -12.79 2.30 -10.90
C MET A 107 -14.16 1.81 -11.36
N ARG A 108 -14.64 2.36 -12.47
CA ARG A 108 -15.98 2.04 -13.00
C ARG A 108 -16.20 0.57 -13.34
N ASP A 109 -15.13 -0.14 -13.73
CA ASP A 109 -15.25 -1.53 -14.17
C ASP A 109 -14.94 -2.56 -13.09
N ALA A 110 -14.46 -2.09 -11.94
CA ALA A 110 -14.04 -2.99 -10.87
C ALA A 110 -15.23 -3.66 -10.19
N ILE A 111 -15.16 -4.99 -10.03
CA ILE A 111 -16.12 -5.69 -9.19
C ILE A 111 -15.77 -5.39 -7.72
N ILE A 112 -16.79 -5.41 -6.86
CA ILE A 112 -16.62 -4.91 -5.50
C ILE A 112 -16.88 -5.99 -4.46
N LEU A 113 -15.82 -6.41 -3.76
CA LEU A 113 -15.97 -7.29 -2.61
C LEU A 113 -15.83 -6.52 -1.30
N ILE A 114 -16.89 -6.55 -0.50
CA ILE A 114 -16.83 -5.98 0.84
C ILE A 114 -16.55 -7.10 1.84
N PHE A 115 -15.48 -6.97 2.60
CA PHE A 115 -15.28 -7.86 3.75
C PHE A 115 -15.93 -7.19 4.95
N ALA A 116 -17.04 -7.76 5.39
CA ALA A 116 -17.69 -7.30 6.61
C ALA A 116 -16.97 -7.99 7.75
N ASN A 117 -15.87 -7.35 8.18
CA ASN A 117 -14.89 -7.96 9.06
C ASN A 117 -15.20 -7.81 10.55
N LYS A 118 -14.52 -8.63 11.36
CA LYS A 118 -14.66 -8.64 12.83
C LYS A 118 -16.03 -9.17 13.30
N GLN A 119 -16.56 -10.17 12.57
CA GLN A 119 -17.84 -10.81 12.92
C GLN A 119 -17.79 -11.54 14.27
N ASP A 120 -16.58 -11.79 14.76
CA ASP A 120 -16.37 -12.42 16.06
C ASP A 120 -16.75 -11.53 17.25
N LEU A 121 -16.75 -10.22 17.02
CA LEU A 121 -17.02 -9.25 18.08
C LEU A 121 -18.51 -9.13 18.43
N PRO A 122 -18.82 -8.94 19.73
CA PRO A 122 -20.20 -8.79 20.17
C PRO A 122 -20.90 -7.63 19.48
N ASP A 123 -22.13 -7.88 19.02
CA ASP A 123 -22.99 -6.84 18.42
C ASP A 123 -22.44 -6.28 17.10
N ALA A 124 -21.46 -6.95 16.51
CA ALA A 124 -20.93 -6.57 15.20
C ALA A 124 -22.05 -6.58 14.17
N MET A 125 -22.06 -5.57 13.30
CA MET A 125 -23.07 -5.46 12.24
C MET A 125 -23.02 -6.67 11.32
N LYS A 126 -24.19 -7.21 11.01
CA LYS A 126 -24.33 -8.36 10.13
C LYS A 126 -24.27 -7.90 8.67
N PRO A 127 -23.96 -8.82 7.72
CA PRO A 127 -23.90 -8.49 6.30
C PRO A 127 -25.09 -7.69 5.77
N HIS A 128 -26.31 -8.01 6.22
CA HIS A 128 -27.50 -7.27 5.76
C HIS A 128 -27.50 -5.82 6.25
N GLU A 129 -27.00 -5.60 7.48
CA GLU A 129 -26.88 -4.24 8.02
C GLU A 129 -25.80 -3.45 7.29
N ILE A 130 -24.68 -4.11 7.00
CA ILE A 130 -23.57 -3.51 6.24
C ILE A 130 -24.03 -3.10 4.85
N GLN A 131 -24.80 -3.96 4.20
CA GLN A 131 -25.37 -3.66 2.89
C GLN A 131 -26.17 -2.35 2.89
N GLU A 132 -26.94 -2.14 3.96
CA GLU A 132 -27.76 -0.95 4.14
C GLU A 132 -26.88 0.27 4.47
N LYS A 133 -26.02 0.10 5.47
CA LYS A 133 -25.22 1.19 6.01
C LYS A 133 -24.15 1.71 5.05
N LEU A 134 -23.72 0.86 4.11
CA LEU A 134 -22.77 1.27 3.09
C LEU A 134 -23.46 1.76 1.83
N GLY A 135 -24.79 1.79 1.85
CA GLY A 135 -25.59 2.29 0.73
C GLY A 135 -25.42 1.51 -0.56
N LEU A 136 -25.27 0.19 -0.43
CA LEU A 136 -25.06 -0.67 -1.58
C LEU A 136 -26.35 -1.03 -2.31
N THR A 137 -27.46 -1.01 -1.57
CA THR A 137 -28.79 -1.36 -2.10
C THR A 137 -29.20 -0.49 -3.29
N ARG A 138 -28.86 0.79 -3.24
CA ARG A 138 -29.12 1.73 -4.35
C ARG A 138 -28.37 1.30 -5.61
N ILE A 139 -27.10 0.93 -5.44
CA ILE A 139 -26.22 0.56 -6.55
C ILE A 139 -26.63 -0.79 -7.16
N ARG A 140 -27.28 -0.70 -8.31
CA ARG A 140 -27.88 -1.86 -8.97
C ARG A 140 -27.23 -2.10 -10.34
N ASP A 141 -26.28 -1.23 -10.69
CA ASP A 141 -25.58 -1.28 -11.97
C ASP A 141 -24.12 -1.75 -11.83
N ARG A 142 -23.76 -2.15 -10.62
CA ARG A 142 -22.41 -2.64 -10.33
C ARG A 142 -22.47 -4.04 -9.71
N ASN A 143 -21.40 -4.79 -9.86
CA ASN A 143 -21.32 -6.13 -9.29
C ASN A 143 -20.61 -6.09 -7.94
N TRP A 144 -21.39 -6.29 -6.87
CA TRP A 144 -20.87 -6.20 -5.51
C TRP A 144 -21.38 -7.34 -4.64
N TYR A 145 -20.68 -7.58 -3.54
CA TYR A 145 -21.03 -8.64 -2.61
C TYR A 145 -20.47 -8.35 -1.22
N VAL A 146 -21.28 -8.60 -0.19
CA VAL A 146 -20.85 -8.44 1.19
C VAL A 146 -20.55 -9.80 1.81
N GLN A 147 -19.27 -10.03 2.08
CA GLN A 147 -18.80 -11.28 2.67
C GLN A 147 -18.49 -11.10 4.15
N PRO A 148 -19.25 -11.78 5.03
CA PRO A 148 -18.89 -11.76 6.45
C PRO A 148 -17.53 -12.40 6.68
N SER A 149 -16.71 -11.78 7.53
CA SER A 149 -15.40 -12.33 7.82
C SER A 149 -14.92 -12.09 9.25
N CYS A 150 -14.01 -12.95 9.69
CA CYS A 150 -13.19 -12.75 10.86
C CYS A 150 -11.77 -13.00 10.37
N ALA A 151 -11.02 -11.92 10.17
CA ALA A 151 -9.67 -12.01 9.61
C ALA A 151 -8.71 -12.79 10.50
N THR A 152 -8.94 -12.74 11.81
CA THR A 152 -8.01 -13.36 12.73
C THR A 152 -8.14 -14.88 12.80
N SER A 153 -9.35 -15.40 12.51
CA SER A 153 -9.58 -16.84 12.43
C SER A 153 -9.54 -17.33 10.99
N GLY A 154 -9.77 -16.42 10.05
CA GLY A 154 -9.75 -16.73 8.62
C GLY A 154 -11.13 -16.95 8.04
N ASP A 155 -12.14 -17.00 8.91
CA ASP A 155 -13.52 -17.23 8.50
C ASP A 155 -13.93 -16.24 7.42
N GLY A 156 -14.41 -16.78 6.30
CA GLY A 156 -14.95 -15.95 5.21
C GLY A 156 -13.96 -15.49 4.14
N LEU A 157 -12.66 -15.62 4.41
CA LEU A 157 -11.64 -15.10 3.49
C LEU A 157 -11.57 -15.87 2.17
N TYR A 158 -11.49 -17.19 2.26
CA TYR A 158 -11.52 -18.02 1.05
C TYR A 158 -12.83 -17.83 0.29
N GLU A 159 -13.94 -17.70 1.03
CA GLU A 159 -15.25 -17.45 0.41
C GLU A 159 -15.25 -16.16 -0.42
N GLY A 160 -14.60 -15.13 0.11
CA GLY A 160 -14.45 -13.86 -0.61
C GLY A 160 -13.63 -14.01 -1.89
N LEU A 161 -12.51 -14.72 -1.81
CA LEU A 161 -11.68 -14.97 -2.99
C LEU A 161 -12.41 -15.82 -4.04
N THR A 162 -13.20 -16.78 -3.56
CA THR A 162 -14.08 -17.58 -4.43
C THR A 162 -15.08 -16.69 -5.19
N TRP A 163 -15.66 -15.71 -4.50
CA TRP A 163 -16.58 -14.77 -5.14
C TRP A 163 -15.89 -13.97 -6.24
N LEU A 164 -14.68 -13.49 -5.95
CA LEU A 164 -13.92 -12.70 -6.91
C LEU A 164 -13.68 -13.48 -8.21
N THR A 165 -13.18 -14.71 -8.08
CA THR A 165 -12.96 -15.58 -9.24
C THR A 165 -14.25 -15.83 -10.02
N SER A 166 -15.34 -16.14 -9.31
CA SER A 166 -16.64 -16.40 -9.95
C SER A 166 -17.21 -15.21 -10.73
N ASN A 167 -16.89 -13.99 -10.29
CA ASN A 167 -17.55 -12.79 -10.83
C ASN A 167 -16.69 -11.90 -11.72
N TYR A 168 -15.41 -12.24 -11.86
CA TYR A 168 -14.50 -11.41 -12.65
C TYR A 168 -14.56 -11.72 -14.14
N ASN A 169 -14.99 -10.72 -14.91
CA ASN A 169 -15.08 -10.81 -16.36
C ASN A 169 -14.42 -9.61 -17.04
N GLY B 17 -4.84 14.75 -14.84
CA GLY B 17 -4.65 13.75 -13.73
C GLY B 17 -5.31 14.20 -12.43
N ASN B 18 -5.00 13.49 -11.35
CA ASN B 18 -5.53 13.79 -10.02
C ASN B 18 -4.50 14.56 -9.22
N ASP B 19 -4.95 15.57 -8.48
CA ASP B 19 -4.06 16.29 -7.59
C ASP B 19 -4.08 15.67 -6.20
N LEU B 20 -3.01 14.94 -5.87
CA LEU B 20 -2.95 14.15 -4.64
C LEU B 20 -2.11 14.84 -3.57
N THR B 21 -1.84 16.13 -3.76
CA THR B 21 -0.81 16.81 -2.96
C THR B 21 -1.12 17.06 -1.48
N HIS B 22 -2.37 16.96 -1.05
CA HIS B 22 -2.66 16.99 0.39
C HIS B 22 -1.81 15.96 1.16
N THR B 23 -1.54 14.83 0.52
CA THR B 23 -0.65 13.81 1.07
C THR B 23 0.71 14.36 1.52
N PHE B 24 1.22 15.34 0.78
CA PHE B 24 2.60 15.81 0.95
C PHE B 24 2.70 17.14 1.70
N PHE B 25 1.58 17.59 2.25
CA PHE B 25 1.54 18.86 2.98
C PHE B 25 2.43 18.83 4.21
N ASN B 26 3.16 19.93 4.43
CA ASN B 26 4.03 20.09 5.60
C ASN B 26 4.98 18.89 5.81
N PRO B 27 5.86 18.64 4.82
CA PRO B 27 6.76 17.49 4.93
C PRO B 27 7.91 17.71 5.91
N ASP B 28 8.61 16.63 6.23
CA ASP B 28 9.78 16.69 7.09
C ASP B 28 10.95 17.32 6.33
N ARG B 29 11.07 16.97 5.06
CA ARG B 29 12.12 17.52 4.21
C ARG B 29 11.75 17.33 2.76
N GLU B 30 12.18 18.25 1.91
CA GLU B 30 12.05 18.09 0.49
C GLU B 30 13.25 18.69 -0.21
N GLY B 31 13.50 18.23 -1.43
CA GLY B 31 14.66 18.70 -2.19
C GLY B 31 15.01 17.83 -3.37
N TRP B 32 15.82 18.38 -4.27
CA TRP B 32 16.28 17.65 -5.44
C TRP B 32 17.44 16.72 -5.11
N LEU B 33 17.35 15.49 -5.60
CA LEU B 33 18.44 14.53 -5.48
C LEU B 33 18.56 13.77 -6.78
N LEU B 34 19.72 13.15 -6.99
CA LEU B 34 19.90 12.22 -8.09
C LEU B 34 19.79 10.81 -7.52
N LYS B 35 19.05 9.96 -8.20
CA LYS B 35 18.89 8.58 -7.75
C LYS B 35 19.20 7.56 -8.82
N LEU B 36 19.78 6.46 -8.39
CA LEU B 36 20.13 5.35 -9.26
C LEU B 36 18.95 4.38 -9.38
N GLY B 37 18.73 3.86 -10.58
CA GLY B 37 17.65 2.90 -10.86
C GLY B 37 17.86 1.55 -10.19
N GLY B 38 16.88 0.66 -10.35
CA GLY B 38 16.89 -0.62 -9.66
C GLY B 38 17.63 -1.67 -10.45
N ARG B 39 16.92 -2.32 -11.37
CA ARG B 39 17.52 -3.27 -12.30
C ARG B 39 18.39 -2.52 -13.31
N VAL B 40 17.77 -1.55 -13.99
CA VAL B 40 18.46 -0.66 -14.93
C VAL B 40 19.14 0.46 -14.13
N LYS B 41 20.47 0.44 -14.11
CA LYS B 41 21.25 1.34 -13.26
C LYS B 41 21.46 2.70 -13.94
N THR B 42 20.38 3.45 -14.11
CA THR B 42 20.47 4.80 -14.64
C THR B 42 20.19 5.84 -13.56
N TRP B 43 20.83 6.99 -13.69
CA TRP B 43 20.64 8.11 -12.76
C TRP B 43 19.54 9.03 -13.26
N LYS B 44 18.68 9.46 -12.34
CA LYS B 44 17.61 10.39 -12.66
C LYS B 44 17.54 11.48 -11.60
N ARG B 45 17.24 12.69 -12.05
CA ARG B 45 17.05 13.83 -11.14
C ARG B 45 15.61 13.77 -10.68
N ARG B 46 15.43 13.72 -9.36
CA ARG B 46 14.09 13.60 -8.78
C ARG B 46 13.89 14.55 -7.62
N TRP B 47 12.67 15.08 -7.52
CA TRP B 47 12.25 15.87 -6.36
C TRP B 47 11.74 14.92 -5.30
N PHE B 48 12.41 14.89 -4.15
CA PHE B 48 12.05 14.00 -3.05
C PHE B 48 11.25 14.74 -1.98
N ILE B 49 10.26 14.04 -1.43
CA ILE B 49 9.51 14.54 -0.28
C ILE B 49 9.47 13.45 0.79
N LEU B 50 10.01 13.78 1.96
CA LEU B 50 9.96 12.89 3.11
C LEU B 50 8.82 13.33 4.04
N THR B 51 7.87 12.42 4.27
CA THR B 51 6.76 12.75 5.17
C THR B 51 6.07 11.49 5.66
N ASP B 52 5.61 11.53 6.91
CA ASP B 52 4.84 10.43 7.51
C ASP B 52 5.44 9.05 7.22
N ASN B 53 6.74 8.89 7.52
CA ASN B 53 7.46 7.62 7.40
C ASN B 53 7.56 7.05 5.98
N CYS B 54 7.34 7.89 4.98
CA CYS B 54 7.49 7.49 3.59
C CYS B 54 8.42 8.46 2.87
N LEU B 55 9.22 7.92 1.96
CA LEU B 55 10.03 8.75 1.08
C LEU B 55 9.42 8.71 -0.31
N TYR B 56 8.94 9.86 -0.77
CA TYR B 56 8.33 9.99 -2.10
C TYR B 56 9.31 10.66 -3.04
N TYR B 57 9.21 10.34 -4.31
CA TYR B 57 9.96 11.09 -5.33
C TYR B 57 9.14 11.36 -6.57
N PHE B 58 9.45 12.48 -7.22
CA PHE B 58 8.68 13.00 -8.32
C PHE B 58 9.64 13.39 -9.44
N GLU B 59 9.14 13.38 -10.67
CA GLU B 59 9.91 13.88 -11.82
C GLU B 59 10.09 15.40 -11.75
N TYR B 60 9.00 16.11 -11.45
CA TYR B 60 8.99 17.56 -11.42
C TYR B 60 8.27 18.08 -10.18
N THR B 61 8.67 19.26 -9.69
CA THR B 61 8.02 19.86 -8.54
C THR B 61 6.55 20.17 -8.82
N THR B 62 6.21 20.27 -10.11
CA THR B 62 4.85 20.56 -10.55
C THR B 62 3.96 19.31 -10.65
N ASP B 63 4.54 18.13 -10.48
CA ASP B 63 3.79 16.88 -10.50
C ASP B 63 2.87 16.80 -9.29
N LYS B 64 1.67 16.29 -9.50
CA LYS B 64 0.69 16.17 -8.42
C LYS B 64 0.50 14.72 -7.97
N GLU B 65 1.30 13.82 -8.55
CA GLU B 65 1.33 12.39 -8.21
C GLU B 65 2.78 11.94 -8.15
N PRO B 66 3.12 11.03 -7.20
CA PRO B 66 4.50 10.59 -7.09
C PRO B 66 4.92 9.63 -8.21
N ARG B 67 6.18 9.73 -8.60
CA ARG B 67 6.80 8.71 -9.45
C ARG B 67 7.07 7.46 -8.62
N GLY B 68 7.59 7.65 -7.40
CA GLY B 68 7.91 6.53 -6.53
C GLY B 68 7.52 6.74 -5.07
N ILE B 69 7.24 5.62 -4.40
CA ILE B 69 6.92 5.62 -2.98
C ILE B 69 7.73 4.55 -2.27
N ILE B 70 8.51 4.97 -1.27
CA ILE B 70 9.31 4.07 -0.45
C ILE B 70 8.90 4.15 1.02
N PRO B 71 8.06 3.19 1.46
CA PRO B 71 7.72 3.12 2.88
C PRO B 71 8.97 2.82 3.70
N LEU B 72 9.26 3.68 4.68
CA LEU B 72 10.50 3.56 5.44
C LEU B 72 10.37 2.57 6.62
N GLU B 73 10.37 1.29 6.27
CA GLU B 73 10.17 0.22 7.25
C GLU B 73 11.48 -0.54 7.49
N ASN B 74 12.03 -0.41 8.68
CA ASN B 74 13.28 -1.12 9.07
C ASN B 74 14.43 -0.95 8.08
N LEU B 75 14.55 0.24 7.50
CA LEU B 75 15.67 0.53 6.62
C LEU B 75 16.77 1.22 7.41
N SER B 76 17.98 1.18 6.87
CA SER B 76 19.11 1.92 7.43
C SER B 76 19.74 2.79 6.35
N ILE B 77 20.64 3.68 6.78
CA ILE B 77 21.30 4.62 5.90
C ILE B 77 22.81 4.45 6.09
N ARG B 78 23.53 4.37 4.97
CA ARG B 78 24.99 4.35 5.00
C ARG B 78 25.57 5.30 3.97
N GLU B 79 26.65 5.97 4.36
CA GLU B 79 27.43 6.75 3.41
C GLU B 79 28.19 5.81 2.48
N VAL B 80 28.19 6.12 1.19
CA VAL B 80 28.97 5.36 0.22
C VAL B 80 29.78 6.29 -0.67
N GLU B 81 30.88 5.76 -1.21
CA GLU B 81 31.65 6.46 -2.23
C GLU B 81 31.20 5.99 -3.61
N ASP B 82 30.99 6.96 -4.50
CA ASP B 82 30.63 6.68 -5.88
C ASP B 82 31.68 7.33 -6.81
N PRO B 83 32.14 6.61 -7.85
CA PRO B 83 33.17 7.11 -8.77
C PRO B 83 32.76 8.31 -9.62
N ARG B 84 31.46 8.55 -9.78
CA ARG B 84 30.97 9.62 -10.67
C ARG B 84 30.04 10.66 -10.01
N LYS B 85 29.32 10.25 -8.97
CA LYS B 85 28.40 11.17 -8.30
C LYS B 85 28.88 11.52 -6.90
N PRO B 86 28.71 12.78 -6.49
CA PRO B 86 29.17 13.19 -5.17
C PRO B 86 28.11 12.99 -4.09
N ASN B 87 28.56 13.01 -2.83
CA ASN B 87 27.68 13.12 -1.67
C ASN B 87 26.61 12.02 -1.66
N CYS B 88 27.06 10.78 -1.74
CA CYS B 88 26.18 9.63 -1.90
C CYS B 88 25.89 8.90 -0.60
N PHE B 89 24.66 8.43 -0.47
CA PHE B 89 24.29 7.52 0.60
C PHE B 89 23.40 6.43 0.02
N GLU B 90 23.22 5.36 0.80
CA GLU B 90 22.33 4.29 0.38
C GLU B 90 21.29 3.99 1.45
N LEU B 91 20.07 3.75 1.00
CA LEU B 91 19.02 3.12 1.81
C LEU B 91 19.12 1.63 1.56
N TYR B 92 19.10 0.85 2.64
CA TYR B 92 19.24 -0.60 2.56
C TYR B 92 18.62 -1.24 3.80
N ASN B 93 18.39 -2.55 3.73
CA ASN B 93 17.92 -3.29 4.89
C ASN B 93 19.07 -4.12 5.46
N PRO B 94 19.50 -3.79 6.68
CA PRO B 94 20.67 -4.44 7.28
C PRO B 94 20.43 -5.91 7.64
N SER B 95 19.19 -6.29 7.85
CA SER B 95 18.86 -7.63 8.34
C SER B 95 18.66 -8.64 7.21
N HIS B 96 18.33 -8.14 6.03
CA HIS B 96 18.04 -9.01 4.89
C HIS B 96 18.85 -8.55 3.68
N LYS B 97 20.16 -8.76 3.73
CA LYS B 97 21.04 -8.36 2.64
C LYS B 97 20.65 -9.11 1.36
N GLY B 98 20.51 -8.37 0.26
CA GLY B 98 20.17 -8.96 -1.03
C GLY B 98 18.68 -9.07 -1.30
N GLN B 99 17.86 -8.77 -0.29
CA GLN B 99 16.41 -8.85 -0.46
C GLN B 99 15.84 -7.52 -0.97
N VAL B 100 14.84 -7.62 -1.83
CA VAL B 100 14.21 -6.46 -2.46
C VAL B 100 13.53 -5.57 -1.42
N ILE B 101 13.79 -4.26 -1.52
CA ILE B 101 13.16 -3.26 -0.66
C ILE B 101 11.75 -2.98 -1.15
N LYS B 102 10.77 -3.00 -0.24
CA LYS B 102 9.41 -2.69 -0.62
C LYS B 102 9.30 -1.24 -1.09
N ALA B 103 8.72 -1.06 -2.27
CA ALA B 103 8.55 0.24 -2.89
C ALA B 103 7.64 0.08 -4.08
N CYS B 104 7.11 1.19 -4.57
CA CYS B 104 6.40 1.13 -5.82
C CYS B 104 6.73 2.35 -6.67
N LYS B 105 6.61 2.18 -7.98
CA LYS B 105 6.83 3.27 -8.91
C LYS B 105 5.80 3.21 -10.01
N THR B 106 5.61 4.34 -10.67
CA THR B 106 4.58 4.49 -11.68
C THR B 106 5.17 4.26 -13.06
N GLU B 107 4.50 3.41 -13.83
CA GLU B 107 4.84 3.15 -15.22
C GLU B 107 4.19 4.20 -16.13
N ALA B 108 4.61 4.26 -17.39
CA ALA B 108 4.12 5.26 -18.34
C ALA B 108 2.60 5.43 -18.35
N ASP B 109 1.87 4.33 -18.25
CA ASP B 109 0.40 4.33 -18.27
C ASP B 109 -0.25 4.66 -16.92
N GLY B 110 0.57 4.98 -15.92
CA GLY B 110 0.06 5.36 -14.62
C GLY B 110 -0.13 4.21 -13.63
N ARG B 111 0.04 2.97 -14.09
CA ARG B 111 -0.08 1.81 -13.23
C ARG B 111 1.09 1.73 -12.25
N VAL B 112 0.76 1.57 -10.98
CA VAL B 112 1.77 1.40 -9.94
C VAL B 112 2.31 -0.05 -9.98
N VAL B 113 3.64 -0.20 -9.91
CA VAL B 113 4.28 -1.53 -9.86
C VAL B 113 5.34 -1.61 -8.77
N GLU B 114 5.68 -2.83 -8.36
CA GLU B 114 6.66 -3.03 -7.30
C GLU B 114 8.04 -2.66 -7.78
N GLY B 115 8.83 -2.10 -6.88
CA GLY B 115 10.23 -1.77 -7.16
C GLY B 115 11.09 -3.02 -7.15
N ASN B 116 12.28 -2.89 -7.74
CA ASN B 116 13.23 -4.00 -7.85
C ASN B 116 14.53 -3.76 -7.09
N HIS B 117 14.58 -2.69 -6.30
CA HIS B 117 15.82 -2.31 -5.62
C HIS B 117 16.20 -3.21 -4.45
N VAL B 118 17.49 -3.55 -4.39
CA VAL B 118 18.05 -4.10 -3.16
C VAL B 118 18.70 -3.00 -2.33
N VAL B 119 19.13 -1.92 -2.99
CA VAL B 119 19.53 -0.66 -2.33
C VAL B 119 18.98 0.53 -3.12
N TYR B 120 18.89 1.69 -2.46
CA TYR B 120 18.66 2.97 -3.14
C TYR B 120 19.88 3.83 -2.94
N ARG B 121 20.65 4.01 -4.02
CA ARG B 121 21.81 4.89 -3.99
C ARG B 121 21.36 6.26 -4.46
N ILE B 122 21.69 7.27 -3.65
CA ILE B 122 21.20 8.63 -3.85
C ILE B 122 22.36 9.59 -3.69
N SER B 123 22.44 10.56 -4.61
CA SER B 123 23.46 11.61 -4.57
C SER B 123 22.82 12.96 -4.26
N ALA B 124 23.40 13.68 -3.30
CA ALA B 124 22.94 15.00 -2.90
C ALA B 124 23.83 16.08 -3.55
N PRO B 125 23.29 17.29 -3.79
CA PRO B 125 24.07 18.34 -4.47
C PRO B 125 25.21 18.96 -3.67
N SER B 126 25.21 18.76 -2.35
CA SER B 126 26.28 19.24 -1.47
C SER B 126 26.43 18.29 -0.27
N PRO B 127 27.61 18.29 0.38
CA PRO B 127 27.74 17.45 1.57
C PRO B 127 26.80 17.89 2.70
N GLU B 128 26.47 19.19 2.74
CA GLU B 128 25.55 19.73 3.75
C GLU B 128 24.14 19.16 3.60
N GLU B 129 23.65 19.14 2.36
CA GLU B 129 22.33 18.59 2.03
C GLU B 129 22.29 17.07 2.20
N LYS B 130 23.41 16.41 1.92
CA LYS B 130 23.54 14.98 2.21
C LYS B 130 23.33 14.71 3.70
N GLU B 131 24.04 15.47 4.56
CA GLU B 131 23.92 15.34 6.00
C GLU B 131 22.49 15.59 6.48
N GLU B 132 21.85 16.63 5.92
CA GLU B 132 20.46 16.95 6.25
C GLU B 132 19.52 15.81 5.91
N TRP B 133 19.66 15.28 4.71
CA TRP B 133 18.82 14.19 4.23
C TRP B 133 19.02 12.91 5.07
N MET B 134 20.27 12.57 5.37
CA MET B 134 20.54 11.37 6.15
C MET B 134 19.94 11.46 7.55
N LYS B 135 20.09 12.64 8.18
CA LYS B 135 19.56 12.88 9.51
C LYS B 135 18.04 12.78 9.51
N SER B 136 17.42 13.43 8.53
CA SER B 136 15.97 13.42 8.39
C SER B 136 15.39 12.02 8.13
N ILE B 137 16.02 11.30 7.21
CA ILE B 137 15.54 9.96 6.83
C ILE B 137 15.65 8.99 8.02
N LYS B 138 16.80 9.02 8.71
CA LYS B 138 17.00 8.22 9.92
C LYS B 138 15.94 8.47 10.98
N ALA B 139 15.58 9.75 11.18
CA ALA B 139 14.55 10.13 12.15
C ALA B 139 13.16 9.64 11.74
N SER B 140 12.95 9.41 10.45
CA SER B 140 11.65 9.06 9.91
C SER B 140 11.43 7.57 9.65
N ILE B 141 12.45 6.75 9.91
CA ILE B 141 12.33 5.30 9.76
C ILE B 141 11.36 4.73 10.79
N SER B 142 10.37 3.98 10.31
CA SER B 142 9.48 3.22 11.18
C SER B 142 10.21 1.93 11.55
N ARG B 143 10.55 1.78 12.83
CA ARG B 143 11.22 0.58 13.30
C ARG B 143 10.29 -0.30 14.14
N ASP B 144 10.25 -1.58 13.78
CA ASP B 144 9.36 -2.52 14.43
C ASP B 144 9.67 -3.95 14.02
N PRO B 145 9.70 -4.89 14.99
CA PRO B 145 9.92 -6.30 14.67
C PRO B 145 8.95 -6.88 13.62
N PHE B 146 7.74 -6.32 13.55
CA PHE B 146 6.71 -6.73 12.57
C PHE B 146 7.26 -6.88 11.15
N TYR B 147 8.05 -5.91 10.71
CA TYR B 147 8.61 -5.92 9.35
C TYR B 147 9.58 -7.07 9.14
N ASP B 148 10.44 -7.33 10.12
CA ASP B 148 11.38 -8.45 10.08
C ASP B 148 10.63 -9.78 10.13
N MET B 149 9.58 -9.83 10.94
CA MET B 149 8.70 -11.00 11.03
C MET B 149 8.10 -11.36 9.67
N LEU B 150 7.52 -10.37 8.98
CA LEU B 150 6.95 -10.58 7.66
C LEU B 150 7.96 -11.10 6.65
N ALA B 151 9.12 -10.45 6.57
CA ALA B 151 10.17 -10.83 5.63
C ALA B 151 10.63 -12.28 5.85
N THR B 152 10.89 -12.62 7.12
CA THR B 152 11.37 -13.96 7.49
C THR B 152 10.33 -15.05 7.16
N ARG B 153 9.08 -14.82 7.53
CA ARG B 153 8.03 -15.81 7.27
C ARG B 153 7.79 -15.99 5.77
N LYS B 154 7.80 -14.87 5.03
CA LYS B 154 7.65 -14.91 3.58
C LYS B 154 8.76 -15.74 2.92
N ARG B 155 9.99 -15.51 3.34
CA ARG B 155 11.16 -16.16 2.74
C ARG B 155 11.17 -17.67 2.98
N ARG B 156 10.67 -18.09 4.14
CA ARG B 156 10.62 -19.50 4.52
C ARG B 156 9.78 -20.36 3.57
N ILE B 157 8.75 -19.76 2.96
CA ILE B 157 7.81 -20.51 2.12
C ILE B 157 7.75 -20.06 0.66
N ALA B 158 8.54 -19.06 0.30
CA ALA B 158 8.57 -18.56 -1.08
C ALA B 158 8.97 -19.66 -2.06
N ASN B 159 8.25 -19.76 -3.16
CA ASN B 159 8.44 -20.80 -4.17
C ASN B 159 8.53 -20.24 -5.58
PG GTP C . -4.23 0.23 8.47
O1G GTP C . -4.79 0.62 7.14
O2G GTP C . -4.10 1.49 9.33
O3G GTP C . -2.90 -0.42 8.34
O3B GTP C . -5.25 -0.77 9.28
PB GTP C . -5.70 -2.22 8.69
O1B GTP C . -6.94 -2.09 7.88
O2B GTP C . -4.56 -2.89 7.98
O3A GTP C . -6.07 -3.08 10.01
PA GTP C . -5.21 -4.27 10.64
O1A GTP C . -3.84 -3.83 11.10
O2A GTP C . -5.16 -5.49 9.75
O5' GTP C . -6.13 -4.61 11.93
C5' GTP C . -6.26 -3.65 12.97
C4' GTP C . -6.57 -4.36 14.29
O4' GTP C . -7.78 -5.08 14.15
C3' GTP C . -5.48 -5.37 14.63
O3' GTP C . -5.23 -5.36 16.01
C2' GTP C . -6.08 -6.69 14.21
O2' GTP C . -5.60 -7.78 14.96
C1' GTP C . -7.55 -6.45 14.46
N9 GTP C . -8.41 -7.34 13.65
C8 GTP C . -8.31 -7.64 12.32
N7 GTP C . -9.30 -8.49 11.99
C5 GTP C . -10.05 -8.73 13.11
C6 GTP C . -11.17 -9.52 13.35
O6 GTP C . -11.70 -10.17 12.45
N1 GTP C . -11.71 -9.57 14.63
C2 GTP C . -11.13 -8.83 15.65
N2 GTP C . -11.65 -8.87 16.87
N3 GTP C . -10.01 -8.05 15.39
C4 GTP C . -9.49 -8.01 14.15
MG MG D . -2.64 -2.20 7.51
C1 CIT E . -11.04 -27.67 -4.75
O1 CIT E . -10.47 -26.66 -5.21
O2 CIT E . -12.27 -27.62 -4.50
C2 CIT E . -10.28 -28.96 -4.47
C3 CIT E . -8.76 -28.77 -4.47
O7 CIT E . -8.36 -28.29 -5.79
C4 CIT E . -8.04 -30.08 -4.17
C5 CIT E . -8.40 -31.18 -5.14
O3 CIT E . -7.72 -31.35 -6.19
O4 CIT E . -9.38 -31.91 -4.92
C6 CIT E . -8.31 -27.78 -3.40
O5 CIT E . -7.28 -27.10 -3.59
O6 CIT E . -8.92 -27.64 -2.31
C1 GOL F . -0.93 -20.70 -0.34
O1 GOL F . -1.67 -21.70 -1.00
C2 GOL F . -0.60 -19.57 -1.31
O2 GOL F . 0.48 -19.98 -2.13
C3 GOL F . -0.20 -18.32 -0.54
O3 GOL F . 0.04 -17.28 -1.45
K K G . -2.08 6.04 -11.16
C1 4IP H . 14.52 3.42 -15.12
O1 4IP H . 15.51 3.59 -16.15
C2 4IP H . 14.61 4.56 -14.12
O2 4IP H . 15.91 4.56 -13.52
C3 4IP H . 13.52 4.38 -13.04
O3 4IP H . 13.54 5.48 -12.16
C4 4IP H . 13.73 3.08 -12.27
O4 4IP H . 12.65 2.90 -11.35
C5 4IP H . 13.78 1.86 -13.20
O5 4IP H . 14.25 0.77 -12.42
C6 4IP H . 14.67 2.06 -14.44
O6 4IP H . 14.39 1.04 -15.42
P1 4IP H . 15.26 4.49 -17.45
O1P 4IP H . 14.48 5.71 -17.03
O2P 4IP H . 16.68 4.77 -17.90
O3P 4IP H . 14.50 3.62 -18.42
P3 4IP H . 12.28 6.49 -12.03
O4P 4IP H . 11.97 7.07 -13.37
O5P 4IP H . 11.16 5.59 -11.52
O6P 4IP H . 12.74 7.50 -11.01
P4 4IP H . 12.81 3.11 -9.76
O7P 4IP H . 12.20 1.86 -9.17
O8P 4IP H . 14.26 3.34 -9.45
O9P 4IP H . 11.96 4.34 -9.49
P5 4IP H . 13.90 -0.78 -12.74
OPF 4IP H . 14.83 -1.17 -13.89
OPG 4IP H . 12.45 -0.79 -13.15
OPH 4IP H . 14.26 -1.45 -11.44
C1 GOL I . 28.41 5.36 -11.03
O1 GOL I . 27.78 6.61 -10.94
C2 GOL I . 27.45 4.30 -11.55
O2 GOL I . 26.66 4.82 -12.61
C3 GOL I . 26.56 3.78 -10.42
O3 GOL I . 27.30 3.65 -9.22
C1 GOL J . 3.30 16.42 9.26
O1 GOL J . 2.81 16.64 7.95
C2 GOL J . 3.83 14.99 9.35
O2 GOL J . 4.01 14.64 10.71
C3 GOL J . 5.15 14.87 8.60
O3 GOL J . 5.78 13.63 8.88
C1 GOL K . 5.61 17.56 -5.56
O1 GOL K . 6.34 18.75 -5.80
C2 GOL K . 4.20 17.89 -5.07
O2 GOL K . 3.53 18.67 -6.04
C3 GOL K . 4.25 18.69 -3.76
O3 GOL K . 2.97 18.67 -3.18
#